data_5MVR
#
_entry.id   5MVR
#
_cell.length_a   68.590
_cell.length_b   59.820
_cell.length_c   39.340
_cell.angle_alpha   90.00
_cell.angle_beta   110.09
_cell.angle_gamma   90.00
#
_symmetry.space_group_name_H-M   'C 1 2 1'
#
loop_
_entity.id
_entity.type
_entity.pdbx_description
1 polymer 'tRNA threonylcarbamoyladenosine biosynthesis protein TsaE'
2 non-polymer "ADENOSINE-5'-DIPHOSPHATE"
3 non-polymer 'MAGNESIUM ION'
4 non-polymer 1,2-ETHANEDIOL
5 water water
#
_entity_poly.entity_id   1
_entity_poly.type   'polypeptide(L)'
_entity_poly.pdbx_seq_one_letter_code
;GSHMVKQLKWRTVNPEETKAIAKLTAAFAKPGDVLTLEGDLGAGKTTFTKGFAEGLGITRIVNSPTFTIIKEYNDGVLPL
YHMDVYRMEDESEDLGLDEYFHGQGVCLVEWAHLIEEQLPQERLQIVIKRAGDDEREITFTAVGNRYEMLCEELSRHDNI
SN
;
_entity_poly.pdbx_strand_id   A
#
loop_
_chem_comp.id
_chem_comp.type
_chem_comp.name
_chem_comp.formula
ADP non-polymer ADENOSINE-5'-DIPHOSPHATE 'C10 H15 N5 O10 P2'
EDO non-polymer 1,2-ETHANEDIOL 'C2 H6 O2'
MG non-polymer 'MAGNESIUM ION' 'Mg 2'
#
# COMPACT_ATOMS: atom_id res chain seq x y z
N SER A 2 -15.46 -14.30 -10.73
CA SER A 2 -15.79 -13.50 -9.56
C SER A 2 -16.83 -12.43 -9.90
N HIS A 3 -17.18 -11.62 -8.91
CA HIS A 3 -17.91 -10.39 -9.19
C HIS A 3 -16.93 -9.36 -9.76
N MET A 4 -17.46 -8.19 -10.11
CA MET A 4 -16.65 -7.08 -10.56
C MET A 4 -15.86 -6.46 -9.39
N VAL A 5 -14.66 -5.95 -9.68
CA VAL A 5 -13.92 -5.11 -8.75
C VAL A 5 -13.64 -3.77 -9.41
N LYS A 6 -13.62 -2.72 -8.60
CA LYS A 6 -13.24 -1.39 -9.05
C LYS A 6 -11.73 -1.23 -8.91
N GLN A 7 -11.15 -0.50 -9.85
CA GLN A 7 -9.70 -0.32 -9.83
C GLN A 7 -9.37 1.11 -10.20
N LEU A 8 -8.19 1.54 -9.78
CA LEU A 8 -7.51 2.69 -10.33
C LEU A 8 -6.20 2.22 -10.94
N LYS A 9 -5.79 2.82 -12.04
CA LYS A 9 -4.49 2.46 -12.60
C LYS A 9 -3.70 3.71 -12.96
N TRP A 10 -2.44 3.74 -12.55
CA TRP A 10 -1.54 4.82 -12.91
C TRP A 10 -0.39 4.29 -13.75
N ARG A 11 0.19 5.19 -14.52
CA ARG A 11 1.48 4.91 -15.13
C ARG A 11 2.49 5.90 -14.59
N THR A 12 3.64 5.39 -14.12
CA THR A 12 4.71 6.25 -13.62
C THR A 12 5.98 5.98 -14.40
N VAL A 13 6.70 7.06 -14.69
CA VAL A 13 7.94 6.99 -15.44
C VAL A 13 9.16 7.26 -14.59
N ASN A 14 9.00 7.42 -13.28
CA ASN A 14 10.16 7.62 -12.40
C ASN A 14 9.72 7.35 -10.97
N PRO A 15 10.68 7.09 -10.06
CA PRO A 15 10.30 6.75 -8.69
C PRO A 15 9.59 7.88 -7.96
N GLU A 16 9.87 9.14 -8.31
CA GLU A 16 9.18 10.23 -7.65
CA GLU A 16 9.18 10.26 -7.68
C GLU A 16 7.68 10.21 -7.94
N GLU A 17 7.28 9.86 -9.17
CA GLU A 17 5.85 9.74 -9.47
C GLU A 17 5.21 8.63 -8.66
N THR A 18 5.90 7.50 -8.53
CA THR A 18 5.42 6.41 -7.68
C THR A 18 5.26 6.84 -6.23
N LYS A 19 6.23 7.58 -5.68
CA LYS A 19 6.11 8.07 -4.31
C LYS A 19 4.92 9.02 -4.17
N ALA A 20 4.69 9.85 -5.18
CA ALA A 20 3.59 10.82 -5.10
C ALA A 20 2.25 10.11 -5.00
N ILE A 21 2.08 9.00 -5.73
CA ILE A 21 0.83 8.25 -5.63
C ILE A 21 0.70 7.68 -4.22
N ALA A 22 1.80 7.16 -3.68
CA ALA A 22 1.75 6.59 -2.34
C ALA A 22 1.41 7.68 -1.32
N LYS A 23 1.95 8.88 -1.54
CA LYS A 23 1.69 10.00 -0.63
CA LYS A 23 1.69 10.01 -0.64
C LYS A 23 0.22 10.40 -0.66
N LEU A 24 -0.37 10.42 -1.84
CA LEU A 24 -1.80 10.70 -1.97
C LEU A 24 -2.61 9.64 -1.23
N THR A 25 -2.26 8.37 -1.40
CA THR A 25 -3.00 7.29 -0.76
C THR A 25 -2.93 7.39 0.76
N ALA A 26 -1.73 7.65 1.29
CA ALA A 26 -1.58 7.73 2.73
C ALA A 26 -2.40 8.86 3.31
N ALA A 27 -2.57 9.95 2.55
CA ALA A 27 -3.32 11.08 3.06
C ALA A 27 -4.76 10.72 3.39
N PHE A 28 -5.30 9.67 2.76
CA PHE A 28 -6.69 9.27 2.97
C PHE A 28 -6.84 7.93 3.64
N ALA A 29 -5.75 7.35 4.14
CA ALA A 29 -5.87 6.09 4.86
C ALA A 29 -6.52 6.34 6.22
N LYS A 30 -7.01 5.26 6.83
CA LYS A 30 -7.77 5.31 8.06
C LYS A 30 -7.40 4.12 8.93
N PRO A 31 -7.63 4.21 10.26
CA PRO A 31 -7.57 2.97 11.04
C PRO A 31 -8.73 2.03 10.64
N GLY A 32 -8.56 0.72 10.55
CA GLY A 32 -7.27 0.05 10.41
C GLY A 32 -7.26 -0.50 8.99
N ASP A 33 -6.82 0.35 8.06
CA ASP A 33 -6.71 -0.07 6.68
C ASP A 33 -5.65 -1.15 6.52
N VAL A 34 -5.86 -2.00 5.52
CA VAL A 34 -4.90 -3.04 5.17
C VAL A 34 -4.66 -2.96 3.68
N LEU A 35 -3.42 -2.67 3.31
CA LEU A 35 -3.01 -2.55 1.90
C LEU A 35 -2.00 -3.65 1.62
N THR A 36 -2.27 -4.45 0.58
CA THR A 36 -1.29 -5.41 0.13
C THR A 36 -0.50 -4.80 -1.01
N LEU A 37 0.76 -5.22 -1.14
CA LEU A 37 1.69 -4.58 -2.06
C LEU A 37 2.43 -5.70 -2.80
N GLU A 38 2.19 -5.83 -4.10
CA GLU A 38 2.74 -6.94 -4.87
C GLU A 38 3.50 -6.40 -6.07
N GLY A 39 4.44 -7.20 -6.55
CA GLY A 39 5.21 -6.85 -7.72
C GLY A 39 6.54 -7.54 -7.66
N ASP A 40 7.11 -7.76 -8.84
CA ASP A 40 8.37 -8.49 -8.92
C ASP A 40 9.49 -7.72 -8.21
N LEU A 41 10.55 -8.45 -7.92
CA LEU A 41 11.77 -7.85 -7.40
C LEU A 41 12.17 -6.65 -8.24
N GLY A 42 12.37 -5.51 -7.59
CA GLY A 42 12.77 -4.31 -8.29
C GLY A 42 11.66 -3.50 -8.92
N ALA A 43 10.39 -3.92 -8.75
CA ALA A 43 9.29 -3.21 -9.41
C ALA A 43 9.04 -1.86 -8.76
N GLY A 44 9.24 -1.75 -7.45
CA GLY A 44 9.08 -0.47 -6.77
C GLY A 44 8.26 -0.49 -5.49
N LYS A 45 8.20 -1.64 -4.81
CA LYS A 45 7.40 -1.71 -3.59
C LYS A 45 8.05 -0.94 -2.45
N THR A 46 9.36 -1.05 -2.30
CA THR A 46 10.02 -0.25 -1.26
C THR A 46 9.87 1.24 -1.56
N THR A 47 10.04 1.61 -2.83
CA THR A 47 9.86 3.00 -3.23
C THR A 47 8.46 3.49 -2.89
N PHE A 48 7.46 2.71 -3.24
CA PHE A 48 6.08 3.05 -2.87
C PHE A 48 5.95 3.22 -1.36
N THR A 49 6.51 2.27 -0.61
CA THR A 49 6.39 2.33 0.85
C THR A 49 7.05 3.57 1.43
N LYS A 50 8.21 3.96 0.90
CA LYS A 50 8.84 5.19 1.38
C LYS A 50 7.92 6.38 1.19
N GLY A 51 7.25 6.45 0.04
CA GLY A 51 6.37 7.58 -0.22
C GLY A 51 5.13 7.53 0.65
N PHE A 52 4.66 6.32 0.93
CA PHE A 52 3.51 6.17 1.81
C PHE A 52 3.84 6.70 3.21
N ALA A 53 4.98 6.27 3.77
CA ALA A 53 5.39 6.76 5.08
C ALA A 53 5.54 8.27 5.09
N GLU A 54 6.12 8.84 4.03
CA GLU A 54 6.24 10.30 3.95
C GLU A 54 4.88 10.97 3.97
N GLY A 55 3.88 10.33 3.35
CA GLY A 55 2.51 10.81 3.32
C GLY A 55 1.82 10.78 4.67
N LEU A 56 2.28 9.92 5.57
CA LEU A 56 1.84 9.93 6.95
C LEU A 56 2.66 10.88 7.82
N GLY A 57 3.63 11.58 7.24
CA GLY A 57 4.46 12.47 8.03
C GLY A 57 5.59 11.80 8.77
N ILE A 58 5.96 10.58 8.38
CA ILE A 58 7.05 9.83 9.00
C ILE A 58 8.37 10.30 8.41
N THR A 59 9.40 10.45 9.26
CA THR A 59 10.65 11.07 8.84
C THR A 59 11.89 10.19 8.99
N ARG A 60 11.72 8.87 9.17
CA ARG A 60 12.87 8.03 9.49
C ARG A 60 13.24 7.06 8.36
N ILE A 61 13.05 5.76 8.58
CA ILE A 61 13.58 4.73 7.68
C ILE A 61 12.69 4.60 6.45
N VAL A 62 11.75 3.65 6.49
CA VAL A 62 10.87 3.35 5.36
C VAL A 62 11.66 3.05 4.08
N PHE A 67 10.30 -5.22 6.94
CA PHE A 67 11.31 -5.75 6.07
C PHE A 67 11.83 -6.75 7.05
N THR A 68 11.88 -6.32 8.33
CA THR A 68 12.23 -7.20 9.44
C THR A 68 11.03 -8.05 9.85
N ILE A 69 10.46 -8.72 8.85
CA ILE A 69 9.12 -9.27 8.89
C ILE A 69 8.13 -8.13 9.10
N ILE A 70 8.13 -7.53 10.30
CA ILE A 70 7.31 -6.36 10.59
C ILE A 70 8.21 -5.23 11.04
N LYS A 71 7.84 -3.99 10.67
CA LYS A 71 8.37 -2.81 11.34
C LYS A 71 7.28 -1.77 11.49
N GLU A 72 7.40 -1.03 12.59
CA GLU A 72 6.35 -0.18 13.09
C GLU A 72 6.85 1.25 13.17
N TYR A 73 5.94 2.18 12.89
CA TYR A 73 6.22 3.61 12.92
C TYR A 73 5.03 4.28 13.57
N ASN A 74 5.28 5.01 14.67
CA ASN A 74 4.20 5.73 15.34
C ASN A 74 4.37 7.24 15.29
N ASP A 75 5.38 7.74 14.59
CA ASP A 75 5.67 9.16 14.60
C ASP A 75 4.81 9.96 13.65
N GLY A 76 3.95 9.30 12.86
CA GLY A 76 3.11 9.98 11.90
CA GLY A 76 3.11 9.98 11.90
C GLY A 76 1.68 10.19 12.39
N VAL A 77 0.82 10.61 11.47
CA VAL A 77 -0.59 10.82 11.79
C VAL A 77 -1.32 9.53 12.12
N LEU A 78 -0.74 8.39 11.77
CA LEU A 78 -1.36 7.09 11.93
C LEU A 78 -0.23 6.08 12.03
N PRO A 79 -0.30 5.11 12.94
CA PRO A 79 0.77 4.10 13.01
C PRO A 79 0.84 3.31 11.70
N LEU A 80 2.06 3.02 11.28
CA LEU A 80 2.29 2.24 10.05
C LEU A 80 2.97 0.94 10.38
N TYR A 81 2.35 -0.17 9.99
CA TYR A 81 2.89 -1.50 10.18
C TYR A 81 3.23 -2.03 8.81
N HIS A 82 4.46 -1.82 8.40
CA HIS A 82 4.99 -2.29 7.14
C HIS A 82 5.49 -3.72 7.32
N MET A 83 5.05 -4.63 6.47
CA MET A 83 5.39 -6.04 6.59
C MET A 83 5.98 -6.50 5.28
N ASP A 84 6.99 -7.35 5.37
CA ASP A 84 7.54 -8.02 4.21
C ASP A 84 7.52 -9.51 4.54
N VAL A 85 6.53 -10.22 3.99
CA VAL A 85 6.29 -11.59 4.41
C VAL A 85 7.05 -12.56 3.51
N TYR A 86 8.14 -12.08 2.95
CA TYR A 86 9.03 -12.91 2.14
C TYR A 86 10.29 -13.22 2.94
N ARG A 87 10.45 -14.46 3.40
CA ARG A 87 9.43 -15.49 3.30
C ARG A 87 8.55 -15.50 4.55
N MET A 88 7.61 -16.44 4.66
CA MET A 88 7.44 -17.56 3.73
C MET A 88 6.88 -17.16 2.37
N LEU A 95 2.13 -14.52 12.13
CA LEU A 95 1.14 -14.55 13.20
C LEU A 95 1.77 -14.14 14.53
N GLY A 96 0.99 -13.54 15.43
CA GLY A 96 -0.41 -13.22 15.21
C GLY A 96 -0.63 -11.87 14.55
N LEU A 97 -0.57 -11.86 13.22
CA LEU A 97 -0.78 -10.63 12.46
C LEU A 97 -2.17 -10.05 12.66
N ASP A 98 -3.10 -10.84 13.20
CA ASP A 98 -4.47 -10.40 13.29
C ASP A 98 -4.61 -9.14 14.14
N GLU A 99 -3.76 -9.00 15.16
CA GLU A 99 -3.83 -7.80 16.00
C GLU A 99 -3.44 -6.55 15.22
N TYR A 100 -2.52 -6.69 14.25
CA TYR A 100 -2.14 -5.56 13.42
C TYR A 100 -3.23 -5.23 12.41
N PHE A 101 -3.73 -6.26 11.71
CA PHE A 101 -4.77 -6.04 10.71
C PHE A 101 -6.00 -5.36 11.30
N HIS A 102 -6.33 -5.67 12.55
CA HIS A 102 -7.42 -5.04 13.28
C HIS A 102 -6.91 -4.05 14.31
N GLY A 103 -5.71 -3.53 14.12
CA GLY A 103 -5.23 -2.42 14.90
C GLY A 103 -5.91 -1.14 14.51
N GLN A 104 -5.27 -0.02 14.87
CA GLN A 104 -5.76 1.31 14.51
C GLN A 104 -4.74 2.11 13.68
N GLY A 105 -3.83 1.44 12.98
CA GLY A 105 -2.98 2.12 12.02
C GLY A 105 -3.22 1.58 10.63
N VAL A 106 -2.22 1.66 9.76
CA VAL A 106 -2.30 1.11 8.41
C VAL A 106 -1.29 0.00 8.28
N CYS A 107 -1.74 -1.16 7.79
CA CYS A 107 -0.86 -2.26 7.44
C CYS A 107 -0.54 -2.20 5.96
N LEU A 108 0.74 -2.26 5.64
CA LEU A 108 1.22 -2.28 4.26
C LEU A 108 2.02 -3.58 4.12
N VAL A 109 1.44 -4.55 3.43
CA VAL A 109 1.89 -5.93 3.50
C VAL A 109 2.53 -6.28 2.16
N GLU A 110 3.86 -6.28 2.09
CA GLU A 110 4.55 -6.70 0.87
C GLU A 110 4.52 -8.21 0.71
N TRP A 111 4.32 -8.67 -0.53
CA TRP A 111 4.28 -10.10 -0.85
C TRP A 111 3.16 -10.83 -0.10
N ALA A 112 2.07 -10.09 0.17
CA ALA A 112 0.98 -10.60 1.00
C ALA A 112 0.42 -11.92 0.47
N HIS A 113 0.54 -12.18 -0.82
CA HIS A 113 -0.05 -13.41 -1.36
C HIS A 113 0.61 -14.65 -0.78
N LEU A 114 1.77 -14.51 -0.14
CA LEU A 114 2.40 -15.63 0.54
C LEU A 114 1.69 -15.99 1.84
N ILE A 115 0.82 -15.12 2.37
CA ILE A 115 0.03 -15.45 3.55
C ILE A 115 -1.43 -15.13 3.30
N GLU A 116 -1.90 -15.41 2.08
CA GLU A 116 -3.29 -15.11 1.71
C GLU A 116 -4.26 -15.62 2.75
N GLU A 117 -4.01 -16.83 3.25
CA GLU A 117 -4.89 -17.49 4.23
C GLU A 117 -5.07 -16.66 5.50
N GLN A 118 -4.14 -15.77 5.81
CA GLN A 118 -4.19 -14.98 7.03
C GLN A 118 -4.74 -13.57 6.83
N LEU A 119 -4.94 -13.15 5.59
CA LEU A 119 -5.34 -11.78 5.34
C LEU A 119 -6.83 -11.58 5.63
N PRO A 120 -7.23 -10.36 5.98
CA PRO A 120 -8.66 -10.07 6.01
C PRO A 120 -9.21 -10.16 4.59
N GLN A 121 -10.50 -10.46 4.48
CA GLN A 121 -11.10 -10.58 3.14
C GLN A 121 -11.06 -9.24 2.41
N GLU A 122 -11.30 -8.14 3.13
CA GLU A 122 -11.28 -6.84 2.49
C GLU A 122 -9.90 -6.20 2.62
N ARG A 123 -9.45 -5.58 1.53
CA ARG A 123 -8.17 -4.90 1.52
C ARG A 123 -8.08 -4.09 0.24
N LEU A 124 -7.08 -3.22 0.18
CA LEU A 124 -6.73 -2.52 -1.05
C LEU A 124 -5.49 -3.22 -1.59
N GLN A 125 -5.63 -3.86 -2.74
CA GLN A 125 -4.53 -4.60 -3.35
C GLN A 125 -3.82 -3.68 -4.33
N ILE A 126 -2.52 -3.47 -4.09
CA ILE A 126 -1.68 -2.63 -4.94
C ILE A 126 -0.71 -3.53 -5.68
N VAL A 127 -0.68 -3.44 -7.00
CA VAL A 127 0.25 -4.25 -7.81
C VAL A 127 1.07 -3.30 -8.66
N ILE A 128 2.40 -3.46 -8.61
CA ILE A 128 3.30 -2.62 -9.40
C ILE A 128 3.96 -3.50 -10.44
N LYS A 129 3.71 -3.21 -11.72
CA LYS A 129 4.19 -4.02 -12.83
C LYS A 129 5.12 -3.18 -13.70
N ARG A 130 6.16 -3.82 -14.26
CA ARG A 130 7.05 -3.13 -15.17
C ARG A 130 6.45 -3.18 -16.57
N ALA A 131 6.43 -2.03 -17.26
CA ALA A 131 5.76 -1.91 -18.55
C ALA A 131 6.68 -1.24 -19.58
N GLY A 132 7.28 -2.06 -20.44
CA GLY A 132 7.94 -1.56 -21.63
C GLY A 132 9.29 -0.91 -21.44
N ASP A 133 9.29 0.43 -21.30
CA ASP A 133 10.51 1.18 -21.08
C ASP A 133 11.00 0.95 -19.66
N ASP A 134 11.48 1.98 -18.98
CA ASP A 134 11.71 1.84 -17.55
C ASP A 134 10.42 2.05 -16.75
N GLU A 135 9.27 1.97 -17.40
CA GLU A 135 8.04 2.48 -16.80
C GLU A 135 7.34 1.42 -15.97
N ARG A 136 6.46 1.90 -15.09
CA ARG A 136 5.72 1.07 -14.14
C ARG A 136 4.22 1.33 -14.31
N GLU A 137 3.44 0.29 -14.12
CA GLU A 137 1.98 0.48 -14.04
C GLU A 137 1.55 -0.03 -12.68
N ILE A 138 0.87 0.85 -11.95
CA ILE A 138 0.49 0.59 -10.56
C ILE A 138 -1.03 0.48 -10.57
N THR A 139 -1.55 -0.67 -10.16
CA THR A 139 -3.00 -0.93 -10.17
C THR A 139 -3.47 -1.04 -8.73
N PHE A 140 -4.52 -0.28 -8.39
CA PHE A 140 -5.17 -0.38 -7.11
C PHE A 140 -6.47 -1.17 -7.31
N THR A 141 -6.67 -2.24 -6.55
CA THR A 141 -7.89 -3.04 -6.66
C THR A 141 -8.62 -3.00 -5.32
N ALA A 142 -9.83 -2.45 -5.33
CA ALA A 142 -10.61 -2.30 -4.10
C ALA A 142 -11.37 -3.59 -3.81
N VAL A 143 -11.06 -4.23 -2.68
CA VAL A 143 -11.79 -5.41 -2.23
C VAL A 143 -12.51 -5.03 -0.94
N GLY A 144 -13.79 -4.66 -1.07
CA GLY A 144 -14.57 -4.19 0.06
C GLY A 144 -15.02 -2.74 -0.10
N ASN A 145 -16.15 -2.39 0.50
CA ASN A 145 -16.70 -1.06 0.29
C ASN A 145 -15.76 0.03 0.82
N ARG A 146 -15.06 -0.25 1.92
CA ARG A 146 -14.16 0.75 2.49
C ARG A 146 -13.11 1.15 1.46
N TYR A 147 -12.60 0.19 0.71
CA TYR A 147 -11.56 0.50 -0.25
C TYR A 147 -12.11 1.07 -1.56
N GLU A 148 -13.37 0.76 -1.92
CA GLU A 148 -13.99 1.54 -3.00
C GLU A 148 -14.11 3.00 -2.61
N MET A 149 -14.51 3.28 -1.37
CA MET A 149 -14.60 4.66 -0.92
C MET A 149 -13.24 5.34 -0.92
N LEU A 150 -12.19 4.63 -0.46
CA LEU A 150 -10.84 5.17 -0.53
C LEU A 150 -10.46 5.55 -1.96
N CYS A 151 -10.68 4.62 -2.91
CA CYS A 151 -10.31 4.92 -4.27
C CYS A 151 -11.11 6.09 -4.84
N GLU A 152 -12.38 6.22 -4.44
CA GLU A 152 -13.16 7.34 -4.93
C GLU A 152 -12.60 8.65 -4.41
N GLU A 153 -12.19 8.67 -3.13
CA GLU A 153 -11.56 9.86 -2.58
C GLU A 153 -10.27 10.19 -3.30
N LEU A 154 -9.45 9.17 -3.59
CA LEU A 154 -8.21 9.43 -4.32
C LEU A 154 -8.49 10.02 -5.69
N SER A 155 -9.56 9.58 -6.35
CA SER A 155 -9.82 10.05 -7.70
C SER A 155 -10.26 11.50 -7.71
N ARG A 156 -11.02 11.92 -6.70
CA ARG A 156 -11.45 13.32 -6.64
C ARG A 156 -10.27 14.24 -6.33
N HIS A 157 -9.33 13.78 -5.52
CA HIS A 157 -8.16 14.57 -5.14
C HIS A 157 -6.93 14.26 -5.98
N ASP A 158 -7.12 13.85 -7.24
CA ASP A 158 -5.99 13.55 -8.12
C ASP A 158 -5.25 14.85 -8.43
N ASN A 159 -4.07 15.00 -7.84
CA ASN A 159 -3.33 16.27 -7.82
C ASN A 159 -3.18 16.91 -9.20
PB ADP B . 11.07 -3.65 -4.68
O1B ADP B . 10.90 -3.12 -3.28
O2B ADP B . 9.80 -3.83 -5.49
O3B ADP B . 12.05 -4.81 -4.82
PA ADP B . 12.44 -1.13 -4.87
O1A ADP B . 13.42 -1.41 -3.77
O2A ADP B . 11.32 -0.14 -4.59
O3A ADP B . 11.79 -2.47 -5.50
O5' ADP B . 13.34 -0.57 -6.07
C5' ADP B . 12.72 -0.12 -7.26
C4' ADP B . 13.87 0.31 -8.16
O4' ADP B . 13.39 0.68 -9.44
C3' ADP B . 14.58 1.53 -7.60
O3' ADP B . 15.92 1.47 -8.06
C2' ADP B . 13.85 2.65 -8.31
O2' ADP B . 14.57 3.88 -8.37
C1' ADP B . 13.69 2.07 -9.69
N9 ADP B . 12.56 2.68 -10.44
C8 ADP B . 12.64 3.11 -11.71
N7 ADP B . 11.45 3.60 -12.14
C5 ADP B . 10.60 3.48 -11.12
C6 ADP B . 9.18 3.82 -10.93
N6 ADP B . 8.48 4.39 -11.93
N1 ADP B . 8.65 3.55 -9.71
C2 ADP B . 9.36 2.99 -8.71
N3 ADP B . 10.66 2.64 -8.82
C4 ADP B . 11.33 2.88 -9.98
MG MG C . 10.67 -4.67 -1.24
C1 EDO D . -14.01 2.34 -10.64
O1 EDO D . -15.19 3.03 -11.07
C2 EDO D . -12.90 3.31 -10.23
O2 EDO D . -13.15 3.91 -8.95
C1 EDO E . -13.20 -14.66 -5.75
O1 EDO E . -14.17 -14.14 -4.84
C2 EDO E . -11.83 -14.09 -5.40
O2 EDO E . -10.83 -14.65 -6.27
C1 EDO F . -8.65 -10.31 -7.24
O1 EDO F . -9.13 -9.52 -6.15
C2 EDO F . -7.14 -10.45 -7.12
O2 EDO F . -6.80 -10.87 -5.79
#